data_5TU5
#
_entry.id   5TU5
#
_cell.length_a   117.042
_cell.length_b   117.042
_cell.length_c   43.800
_cell.angle_alpha   90.00
_cell.angle_beta   90.00
_cell.angle_gamma   120.00
#
_symmetry.space_group_name_H-M   'P 65'
#
loop_
_entity.id
_entity.type
_entity.pdbx_description
1 polymer 'PagF prenyltransferase'
2 polymer TYR-TYR-TYR
3 non-polymer 'DIMETHYLALLYL S-THIOLODIPHOSPHATE'
4 non-polymer 'MAGNESIUM ION'
5 water water
#
loop_
_entity_poly.entity_id
_entity_poly.type
_entity_poly.pdbx_seq_one_letter_code
_entity_poly.pdbx_strand_id
1 'polypeptide(L)'
;MIVNVIQKDRLKEQKLQFIRNHQQAFDVEPIYPLPLFEDFVTSIEGDCSLEASCKIESDKLIASRFLLFFEDKTQEWQKY
LHQSLTFFGLVENRVGVKINYSLLQQFLGSSFDFSKVTVLSAGIDLRNNLAESSLKMHIRIKDYPEKLDKAFALSDGAAD
GNYLKDFVNLIGFDFYFNGKSEIEIYAEVQEDDFFKPEINNLVWQHFPKTALQPLKASSLFFTGLSKANNNPVLYYHLKN
RQDLTNYFKLNDTAQRVHSFYQHQDILPYMWVGTAQKELEKTRIENIRLYYYKSFKMESN
;
A
2 'polypeptide(L)' YYY B
#
# COMPACT_ATOMS: atom_id res chain seq x y z
N MET A 1 14.54 21.13 -24.42
CA MET A 1 13.47 21.76 -23.59
C MET A 1 12.06 21.42 -24.10
N ILE A 2 11.84 21.56 -25.41
CA ILE A 2 10.54 21.21 -26.02
C ILE A 2 10.14 19.74 -25.76
N VAL A 3 11.11 18.84 -25.84
CA VAL A 3 10.92 17.43 -25.48
C VAL A 3 10.38 17.33 -24.05
N ASN A 4 11.02 18.05 -23.13
CA ASN A 4 10.65 18.02 -21.71
C ASN A 4 9.23 18.47 -21.43
N VAL A 5 8.81 19.60 -22.03
CA VAL A 5 7.44 20.11 -21.85
C VAL A 5 6.35 19.14 -22.36
N ILE A 6 6.58 18.52 -23.52
CA ILE A 6 5.62 17.56 -24.11
C ILE A 6 5.50 16.33 -23.22
N GLN A 7 6.64 15.79 -22.78
CA GLN A 7 6.70 14.64 -21.88
C GLN A 7 5.96 14.88 -20.56
N LYS A 8 6.20 16.06 -19.97
CA LYS A 8 5.55 16.45 -18.72
C LYS A 8 4.03 16.49 -18.86
N ASP A 9 3.53 17.11 -19.94
CA ASP A 9 2.08 17.19 -20.21
C ASP A 9 1.49 15.79 -20.40
N ARG A 10 2.22 14.94 -21.13
CA ARG A 10 1.82 13.57 -21.40
C ARG A 10 1.74 12.73 -20.10
N LEU A 11 2.75 12.86 -19.25
CA LEU A 11 2.79 12.13 -17.97
C LEU A 11 1.64 12.54 -17.05
N LYS A 12 1.33 13.84 -17.05
CA LYS A 12 0.20 14.37 -16.28
C LYS A 12 -1.11 13.69 -16.70
N GLU A 13 -1.34 13.62 -18.01
CA GLU A 13 -2.57 13.03 -18.54
C GLU A 13 -2.63 11.52 -18.35
N GLN A 14 -1.49 10.84 -18.49
CA GLN A 14 -1.44 9.39 -18.27
C GLN A 14 -1.77 9.03 -16.82
N LYS A 15 -1.27 9.82 -15.88
CA LYS A 15 -1.60 9.62 -14.46
C LYS A 15 -3.09 9.83 -14.19
N LEU A 16 -3.67 10.88 -14.74
CA LEU A 16 -5.11 11.14 -14.58
C LEU A 16 -5.94 10.03 -15.23
N GLN A 17 -5.48 9.56 -16.40
CA GLN A 17 -6.12 8.47 -17.11
C GLN A 17 -6.16 7.16 -16.33
N PHE A 18 -5.02 6.77 -15.74
CA PHE A 18 -4.94 5.59 -14.87
C PHE A 18 -5.93 5.67 -13.70
N ILE A 19 -6.01 6.84 -13.06
CA ILE A 19 -6.94 7.08 -11.95
C ILE A 19 -8.40 6.99 -12.44
N ARG A 20 -8.70 7.66 -13.54
CA ARG A 20 -10.05 7.70 -14.10
C ARG A 20 -10.53 6.34 -14.61
N ASN A 21 -9.64 5.56 -15.24
CA ASN A 21 -9.98 4.19 -15.71
C ASN A 21 -10.48 3.31 -14.56
N HIS A 22 -9.78 3.41 -13.43
CA HIS A 22 -10.13 2.68 -12.21
C HIS A 22 -11.45 3.16 -11.65
N GLN A 23 -11.56 4.47 -11.41
CA GLN A 23 -12.77 5.07 -10.83
C GLN A 23 -14.01 4.82 -11.70
N GLN A 24 -13.86 4.96 -13.01
CA GLN A 24 -15.00 4.81 -13.94
C GLN A 24 -15.47 3.38 -14.11
N ALA A 25 -14.58 2.43 -13.82
CA ALA A 25 -14.93 1.01 -13.87
C ALA A 25 -15.78 0.58 -12.69
N PHE A 26 -15.56 1.20 -11.53
CA PHE A 26 -16.13 0.72 -10.25
C PHE A 26 -17.05 1.68 -9.49
N ASP A 27 -16.90 2.98 -9.73
CA ASP A 27 -17.73 4.01 -9.08
C ASP A 27 -18.31 4.93 -10.17
N VAL A 28 -19.63 4.86 -10.38
CA VAL A 28 -20.28 5.72 -11.40
C VAL A 28 -20.00 7.20 -11.13
N GLU A 29 -20.09 7.61 -9.87
CA GLU A 29 -19.67 8.94 -9.45
C GLU A 29 -18.35 8.86 -8.67
N PRO A 30 -17.39 9.78 -8.94
CA PRO A 30 -16.16 9.79 -8.12
C PRO A 30 -16.48 10.16 -6.67
N ILE A 31 -15.76 9.55 -5.72
CA ILE A 31 -15.96 9.84 -4.29
C ILE A 31 -15.17 11.10 -3.94
N TYR A 32 -15.82 12.04 -3.25
CA TYR A 32 -15.17 13.27 -2.79
C TYR A 32 -14.20 12.92 -1.65
N PRO A 33 -12.99 13.52 -1.58
CA PRO A 33 -12.48 14.51 -2.52
C PRO A 33 -11.38 13.99 -3.45
N LEU A 34 -11.71 13.06 -4.33
CA LEU A 34 -10.75 12.55 -5.32
C LEU A 34 -9.96 13.61 -6.12
N PRO A 35 -10.63 14.71 -6.61
CA PRO A 35 -9.86 15.73 -7.38
C PRO A 35 -8.65 16.32 -6.66
N LEU A 36 -8.68 16.36 -5.33
CA LEU A 36 -7.54 16.83 -4.54
C LEU A 36 -6.34 15.92 -4.73
N PHE A 37 -6.58 14.60 -4.73
CA PHE A 37 -5.52 13.63 -4.98
C PHE A 37 -5.03 13.73 -6.41
N GLU A 38 -5.96 13.93 -7.35
CA GLU A 38 -5.60 14.16 -8.74
C GLU A 38 -4.67 15.35 -8.89
N ASP A 39 -4.98 16.46 -8.20
CA ASP A 39 -4.12 17.65 -8.16
C ASP A 39 -2.75 17.32 -7.58
N PHE A 40 -2.72 16.53 -6.51
CA PHE A 40 -1.47 16.12 -5.87
C PHE A 40 -0.57 15.34 -6.81
N VAL A 41 -1.11 14.29 -7.44
CA VAL A 41 -0.27 13.44 -8.31
C VAL A 41 0.24 14.19 -9.54
N THR A 42 -0.55 15.13 -10.05
CA THR A 42 -0.13 15.92 -11.20
C THR A 42 0.94 16.96 -10.82
N SER A 43 0.99 17.34 -9.55
CA SER A 43 2.03 18.24 -9.04
C SER A 43 3.41 17.56 -8.87
N ILE A 44 3.43 16.22 -8.81
CA ILE A 44 4.68 15.46 -8.67
C ILE A 44 5.27 15.20 -10.05
N GLU A 45 6.27 16.00 -10.41
CA GLU A 45 6.83 16.00 -11.77
C GLU A 45 7.98 15.02 -12.01
N GLY A 46 8.64 14.57 -10.94
CA GLY A 46 9.65 13.52 -11.04
C GLY A 46 9.01 12.15 -11.25
N ASP A 47 9.85 11.15 -11.53
CA ASP A 47 9.38 9.78 -11.75
C ASP A 47 8.57 9.24 -10.57
N CYS A 48 7.45 8.58 -10.87
CA CYS A 48 6.64 7.96 -9.83
C CYS A 48 5.90 6.75 -10.35
N SER A 49 5.32 6.00 -9.42
CA SER A 49 4.35 4.96 -9.72
C SER A 49 3.05 5.26 -9.01
N LEU A 50 1.95 4.84 -9.61
CA LEU A 50 0.65 4.89 -8.95
C LEU A 50 0.12 3.50 -8.71
N GLU A 51 -0.59 3.36 -7.59
CA GLU A 51 -1.30 2.16 -7.20
C GLU A 51 -2.80 2.46 -7.23
N ALA A 52 -3.58 1.56 -7.81
CA ALA A 52 -5.04 1.60 -7.74
C ALA A 52 -5.50 0.28 -7.15
N SER A 53 -6.40 0.38 -6.18
CA SER A 53 -6.75 -0.77 -5.38
C SER A 53 -8.25 -0.90 -5.16
N CYS A 54 -8.68 -2.16 -5.03
CA CYS A 54 -10.03 -2.52 -4.59
C CYS A 54 -9.95 -3.35 -3.33
N LYS A 55 -10.81 -3.00 -2.37
CA LYS A 55 -10.99 -3.80 -1.16
C LYS A 55 -12.39 -4.41 -1.28
N ILE A 56 -12.45 -5.74 -1.20
CA ILE A 56 -13.70 -6.47 -1.39
C ILE A 56 -14.12 -7.11 -0.07
N GLU A 57 -15.35 -6.84 0.35
CA GLU A 57 -15.94 -7.45 1.55
C GLU A 57 -17.26 -8.09 1.15
N SER A 58 -17.21 -9.39 0.88
CA SER A 58 -18.29 -10.14 0.21
C SER A 58 -18.65 -9.47 -1.11
N ASP A 59 -19.84 -8.87 -1.18
CA ASP A 59 -20.28 -8.17 -2.40
C ASP A 59 -20.03 -6.65 -2.34
N LYS A 60 -19.47 -6.16 -1.25
CA LYS A 60 -19.13 -4.73 -1.13
C LYS A 60 -17.79 -4.47 -1.82
N LEU A 61 -17.80 -3.51 -2.74
CA LEU A 61 -16.59 -3.11 -3.47
C LEU A 61 -16.19 -1.69 -3.11
N ILE A 62 -14.99 -1.55 -2.54
CA ILE A 62 -14.45 -0.26 -2.12
C ILE A 62 -13.30 0.02 -3.07
N ALA A 63 -13.44 1.07 -3.88
CA ALA A 63 -12.54 1.26 -5.01
C ALA A 63 -11.91 2.66 -5.15
N SER A 64 -12.14 3.56 -4.21
CA SER A 64 -11.51 4.89 -4.28
C SER A 64 -10.21 4.91 -3.47
N ARG A 65 -9.32 3.97 -3.84
CA ARG A 65 -8.08 3.69 -3.14
C ARG A 65 -6.93 3.89 -4.12
N PHE A 66 -6.14 4.94 -3.88
CA PHE A 66 -5.05 5.31 -4.75
C PHE A 66 -3.83 5.71 -3.93
N LEU A 67 -2.66 5.41 -4.46
CA LEU A 67 -1.43 5.68 -3.77
C LEU A 67 -0.36 6.09 -4.77
N LEU A 68 0.44 7.10 -4.42
CA LEU A 68 1.62 7.48 -5.22
C LEU A 68 2.90 7.06 -4.50
N PHE A 69 3.83 6.48 -5.26
CA PHE A 69 5.19 6.17 -4.78
C PHE A 69 6.16 7.16 -5.41
N PHE A 70 6.95 7.86 -4.58
CA PHE A 70 8.00 8.76 -5.07
C PHE A 70 9.22 7.97 -5.57
N GLU A 71 9.51 8.07 -6.87
CA GLU A 71 10.58 7.23 -7.45
C GLU A 71 11.67 7.99 -8.19
N ASP A 72 11.66 9.32 -8.06
CA ASP A 72 12.74 10.18 -8.54
C ASP A 72 14.10 9.65 -8.05
N LYS A 73 15.03 9.51 -8.99
CA LYS A 73 16.34 8.88 -8.70
C LYS A 73 17.21 9.66 -7.69
N THR A 74 16.95 10.96 -7.55
CA THR A 74 17.69 11.84 -6.63
C THR A 74 17.44 11.52 -5.17
N GLN A 75 16.34 10.83 -4.87
CA GLN A 75 16.01 10.38 -3.51
C GLN A 75 15.99 11.49 -2.46
N GLU A 76 15.33 12.60 -2.79
CA GLU A 76 15.11 13.72 -1.88
C GLU A 76 13.91 13.45 -0.97
N TRP A 77 14.07 12.46 -0.09
CA TRP A 77 12.97 11.94 0.73
C TRP A 77 12.30 12.98 1.62
N GLN A 78 13.07 13.89 2.22
CA GLN A 78 12.51 14.94 3.06
C GLN A 78 11.60 15.87 2.24
N LYS A 79 12.02 16.22 1.02
CA LYS A 79 11.21 17.04 0.12
C LYS A 79 9.84 16.39 -0.21
N TYR A 80 9.86 15.09 -0.50
CA TYR A 80 8.64 14.35 -0.83
C TYR A 80 7.73 14.21 0.37
N LEU A 81 8.32 14.01 1.55
CA LEU A 81 7.58 14.00 2.80
C LEU A 81 6.82 15.32 2.97
N HIS A 82 7.52 16.42 2.75
CA HIS A 82 6.95 17.75 2.87
C HIS A 82 5.87 18.02 1.82
N GLN A 83 6.07 17.53 0.59
CA GLN A 83 5.05 17.60 -0.45
C GLN A 83 3.78 16.85 -0.08
N SER A 84 3.94 15.64 0.46
CA SER A 84 2.83 14.80 0.92
C SER A 84 2.04 15.43 2.07
N LEU A 85 2.77 15.96 3.05
CA LEU A 85 2.14 16.61 4.19
C LEU A 85 1.40 17.90 3.83
N THR A 86 1.91 18.64 2.83
CA THR A 86 1.21 19.82 2.34
C THR A 86 -0.10 19.42 1.64
N PHE A 87 -0.07 18.32 0.89
CA PHE A 87 -1.30 17.76 0.31
C PHE A 87 -2.28 17.33 1.42
N PHE A 88 -1.80 16.64 2.45
CA PHE A 88 -2.64 16.25 3.58
C PHE A 88 -3.34 17.48 4.19
N GLY A 89 -2.59 18.58 4.32
CA GLY A 89 -3.10 19.87 4.80
C GLY A 89 -4.20 20.50 3.95
N LEU A 90 -4.08 20.39 2.62
CA LEU A 90 -5.13 20.86 1.71
C LEU A 90 -6.42 20.06 1.85
N VAL A 91 -6.27 18.74 2.05
CA VAL A 91 -7.42 17.88 2.33
C VAL A 91 -8.12 18.35 3.62
N GLU A 92 -7.32 18.62 4.66
CA GLU A 92 -7.85 19.13 5.94
C GLU A 92 -8.64 20.41 5.74
N ASN A 93 -8.07 21.35 4.97
CA ASN A 93 -8.69 22.65 4.70
C ASN A 93 -10.00 22.52 3.93
N ARG A 94 -9.99 21.76 2.84
CA ARG A 94 -11.18 21.63 1.97
C ARG A 94 -12.32 20.85 2.63
N VAL A 95 -11.98 19.74 3.29
CA VAL A 95 -13.01 18.88 3.86
C VAL A 95 -13.52 19.44 5.20
N GLY A 96 -12.68 20.21 5.88
CA GLY A 96 -13.01 20.80 7.18
C GLY A 96 -12.73 19.85 8.33
N VAL A 97 -11.64 19.11 8.22
CA VAL A 97 -11.26 18.13 9.24
C VAL A 97 -9.85 18.39 9.77
N LYS A 98 -9.56 17.82 10.94
CA LYS A 98 -8.24 17.89 11.56
C LYS A 98 -7.67 16.48 11.65
N ILE A 99 -6.50 16.27 11.04
CA ILE A 99 -5.82 14.98 11.04
C ILE A 99 -4.99 14.82 12.31
N ASN A 100 -4.94 13.61 12.84
CA ASN A 100 -4.13 13.30 14.00
C ASN A 100 -2.77 12.78 13.53
N TYR A 101 -1.74 13.63 13.62
CA TYR A 101 -0.40 13.32 13.12
C TYR A 101 0.56 12.70 14.16
N SER A 102 0.07 12.47 15.38
CA SER A 102 0.94 12.09 16.50
C SER A 102 1.85 10.87 16.29
N LEU A 103 1.32 9.82 15.67
CA LEU A 103 2.12 8.60 15.42
C LEU A 103 3.25 8.84 14.42
N LEU A 104 2.96 9.59 13.35
CA LEU A 104 3.98 10.01 12.39
C LEU A 104 5.01 10.93 13.04
N GLN A 105 4.53 11.92 13.78
CA GLN A 105 5.42 12.84 14.50
C GLN A 105 6.38 12.11 15.44
N GLN A 106 5.86 11.17 16.22
CA GLN A 106 6.66 10.39 17.17
C GLN A 106 7.62 9.47 16.45
N PHE A 107 7.19 8.93 15.30
CA PHE A 107 8.07 8.08 14.48
C PHE A 107 9.26 8.87 13.97
N LEU A 108 8.99 10.02 13.36
CA LEU A 108 10.03 10.89 12.83
C LEU A 108 10.84 11.50 13.98
N GLY A 109 10.12 11.97 14.99
CA GLY A 109 10.64 12.60 16.23
C GLY A 109 12.08 13.05 16.36
N SER A 110 12.90 12.15 16.90
CA SER A 110 14.30 12.42 17.21
C SER A 110 15.15 12.27 15.96
N SER A 111 15.57 13.42 15.40
CA SER A 111 16.55 13.49 14.31
C SER A 111 16.46 12.39 13.24
N PHE A 112 15.44 12.44 12.39
CA PHE A 112 15.23 11.40 11.40
C PHE A 112 16.28 11.42 10.30
N ASP A 113 16.88 10.26 10.04
CA ASP A 113 17.90 10.13 9.01
C ASP A 113 17.23 9.71 7.70
N PHE A 114 16.94 10.69 6.85
CA PHE A 114 16.28 10.46 5.56
C PHE A 114 17.10 9.64 4.55
N SER A 115 18.42 9.58 4.75
CA SER A 115 19.29 8.73 3.92
C SER A 115 19.00 7.24 4.12
N LYS A 116 18.24 6.91 5.16
CA LYS A 116 17.89 5.52 5.47
C LYS A 116 16.54 5.10 4.87
N VAL A 117 15.84 6.04 4.25
CA VAL A 117 14.56 5.79 3.58
C VAL A 117 14.80 5.17 2.21
N THR A 118 14.04 4.14 1.85
CA THR A 118 14.15 3.54 0.50
C THR A 118 12.85 3.57 -0.31
N VAL A 119 11.72 3.77 0.38
CA VAL A 119 10.40 3.90 -0.26
C VAL A 119 9.62 4.95 0.54
N LEU A 120 8.93 5.81 -0.19
CA LEU A 120 7.94 6.70 0.41
C LEU A 120 6.69 6.79 -0.47
N SER A 121 5.53 6.70 0.18
CA SER A 121 4.25 6.76 -0.50
C SER A 121 3.25 7.71 0.17
N ALA A 122 2.30 8.20 -0.62
CA ALA A 122 1.19 9.00 -0.11
C ALA A 122 -0.08 8.72 -0.92
N GLY A 123 -1.18 8.54 -0.22
CA GLY A 123 -2.45 8.32 -0.90
C GLY A 123 -3.69 8.41 -0.04
N ILE A 124 -4.73 7.74 -0.53
CA ILE A 124 -6.10 7.93 -0.04
C ILE A 124 -6.86 6.61 -0.01
N ASP A 125 -7.83 6.52 0.89
CA ASP A 125 -8.92 5.53 0.78
C ASP A 125 -10.19 6.30 1.14
N LEU A 126 -10.93 6.73 0.12
CA LEU A 126 -12.06 7.65 0.29
C LEU A 126 -13.40 6.93 0.34
N ARG A 127 -14.26 7.39 1.27
CA ARG A 127 -15.55 6.76 1.54
C ARG A 127 -16.62 7.84 1.59
N ASN A 128 -17.85 7.47 1.23
CA ASN A 128 -19.01 8.38 1.36
C ASN A 128 -19.31 8.78 2.81
N ASN A 129 -18.97 7.90 3.74
CA ASN A 129 -18.96 8.21 5.16
C ASN A 129 -17.60 8.86 5.45
N LEU A 130 -17.61 10.19 5.56
CA LEU A 130 -16.39 10.98 5.74
C LEU A 130 -15.48 10.46 6.83
N ALA A 131 -16.07 10.17 8.01
CA ALA A 131 -15.36 9.65 9.18
C ALA A 131 -14.55 8.37 8.91
N GLU A 132 -15.00 7.60 7.94
CA GLU A 132 -14.31 6.36 7.58
C GLU A 132 -13.28 6.54 6.45
N SER A 133 -13.20 7.73 5.86
CA SER A 133 -12.17 8.04 4.84
C SER A 133 -10.82 8.22 5.52
N SER A 134 -9.75 7.97 4.77
CA SER A 134 -8.40 8.07 5.32
C SER A 134 -7.36 8.54 4.31
N LEU A 135 -6.30 9.14 4.85
CA LEU A 135 -5.07 9.39 4.14
C LEU A 135 -4.07 8.30 4.55
N LYS A 136 -3.12 8.03 3.66
CA LYS A 136 -2.20 6.91 3.83
C LYS A 136 -0.77 7.31 3.54
N MET A 137 0.17 6.75 4.29
CA MET A 137 1.61 6.93 4.03
C MET A 137 2.37 5.66 4.39
N HIS A 138 3.34 5.29 3.56
CA HIS A 138 4.26 4.19 3.89
C HIS A 138 5.69 4.72 3.81
N ILE A 139 6.51 4.26 4.76
CA ILE A 139 7.93 4.58 4.78
C ILE A 139 8.69 3.27 4.94
N ARG A 140 9.58 2.98 3.99
CA ARG A 140 10.50 1.84 4.12
C ARG A 140 11.88 2.34 4.57
N ILE A 141 12.41 1.73 5.62
CA ILE A 141 13.73 2.08 6.16
C ILE A 141 14.68 0.89 6.07
N LYS A 142 15.96 1.21 5.93
CA LYS A 142 17.01 0.23 5.74
C LYS A 142 18.10 0.51 6.77
N ASP A 143 18.49 -0.53 7.53
CA ASP A 143 19.59 -0.45 8.52
C ASP A 143 19.38 0.67 9.54
N TYR A 144 18.17 0.73 10.10
CA TYR A 144 17.80 1.81 11.01
C TYR A 144 17.15 1.21 12.26
N PRO A 145 17.94 0.48 13.09
CA PRO A 145 17.33 -0.24 14.22
C PRO A 145 16.63 0.65 15.26
N GLU A 146 17.13 1.88 15.45
CA GLU A 146 16.50 2.85 16.36
C GLU A 146 15.04 3.13 15.97
N LYS A 147 14.78 3.34 14.68
CA LYS A 147 13.43 3.66 14.21
C LYS A 147 12.51 2.46 14.09
N LEU A 148 13.12 1.29 13.91
CA LEU A 148 12.41 0.01 13.96
C LEU A 148 11.85 -0.23 15.38
N ASP A 149 12.71 -0.02 16.38
CA ASP A 149 12.32 -0.05 17.78
C ASP A 149 11.20 0.95 18.07
N LYS A 150 11.34 2.18 17.57
CA LYS A 150 10.35 3.23 17.80
C LYS A 150 8.97 2.85 17.22
N ALA A 151 8.96 2.38 15.97
CA ALA A 151 7.73 1.92 15.30
C ALA A 151 7.04 0.80 16.08
N PHE A 152 7.84 -0.16 16.54
CA PHE A 152 7.37 -1.23 17.41
C PHE A 152 6.75 -0.74 18.72
N ALA A 153 7.40 0.21 19.37
CA ALA A 153 6.86 0.84 20.60
C ALA A 153 5.53 1.56 20.33
N LEU A 154 5.45 2.20 19.17
CA LEU A 154 4.25 2.93 18.75
C LEU A 154 3.05 2.04 18.41
N SER A 155 3.31 0.83 17.93
CA SER A 155 2.24 -0.11 17.57
C SER A 155 1.65 -0.85 18.78
N ASP A 156 1.28 -2.12 18.60
CA ASP A 156 0.70 -2.95 19.68
C ASP A 156 1.62 -3.17 20.88
N GLY A 157 2.89 -3.50 20.64
CA GLY A 157 3.88 -3.67 21.70
C GLY A 157 4.66 -4.98 21.72
N ALA A 158 4.60 -5.67 22.86
CA ALA A 158 5.43 -6.84 23.17
C ALA A 158 5.03 -8.16 22.46
N ALA A 159 5.73 -9.24 22.81
CA ALA A 159 5.56 -10.58 22.20
C ALA A 159 4.19 -11.23 22.51
N ASP A 160 3.54 -11.86 21.52
CA ASP A 160 4.05 -12.02 20.14
C ASP A 160 3.64 -10.89 19.18
N GLY A 161 4.14 -10.99 17.94
CA GLY A 161 4.24 -9.85 17.03
C GLY A 161 5.70 -9.46 17.01
N ASN A 162 6.32 -9.52 18.19
CA ASN A 162 7.77 -9.34 18.38
C ASN A 162 8.58 -10.48 17.78
N TYR A 163 7.96 -11.64 17.61
CA TYR A 163 8.61 -12.85 17.04
C TYR A 163 9.10 -12.67 15.58
N LEU A 164 8.55 -11.67 14.88
CA LEU A 164 8.97 -11.33 13.52
C LEU A 164 9.62 -9.93 13.40
N LYS A 165 10.09 -9.40 14.53
CA LYS A 165 10.73 -8.07 14.59
C LYS A 165 11.88 -7.87 13.60
N ASP A 166 12.74 -8.87 13.46
CA ASP A 166 13.94 -8.79 12.61
C ASP A 166 13.64 -8.83 11.10
N PHE A 167 12.35 -8.94 10.76
CA PHE A 167 11.89 -9.03 9.38
C PHE A 167 11.20 -7.75 8.88
N VAL A 168 11.20 -6.70 9.71
CA VAL A 168 10.44 -5.48 9.43
C VAL A 168 11.29 -4.38 8.79
N ASN A 169 10.80 -3.84 7.67
CA ASN A 169 11.42 -2.70 6.99
C ASN A 169 10.37 -1.64 6.60
N LEU A 170 9.13 -2.08 6.38
CA LEU A 170 8.07 -1.18 5.97
C LEU A 170 7.17 -0.78 7.13
N ILE A 171 6.91 0.52 7.24
CA ILE A 171 6.00 1.08 8.24
C ILE A 171 4.86 1.79 7.50
N GLY A 172 3.63 1.53 7.92
CA GLY A 172 2.45 2.18 7.32
C GLY A 172 1.72 3.06 8.31
N PHE A 173 1.17 4.16 7.81
CA PHE A 173 0.39 5.11 8.61
C PHE A 173 -0.97 5.36 7.96
N ASP A 174 -2.03 5.30 8.76
CA ASP A 174 -3.39 5.66 8.32
C ASP A 174 -3.86 6.84 9.14
N PHE A 175 -4.52 7.78 8.47
CA PHE A 175 -4.96 9.01 9.09
C PHE A 175 -6.42 9.18 8.72
N TYR A 176 -7.31 8.82 9.63
CA TYR A 176 -8.76 8.89 9.37
C TYR A 176 -9.30 10.31 9.54
N PHE A 177 -10.30 10.66 8.74
CA PHE A 177 -10.88 12.02 8.72
C PHE A 177 -11.58 12.38 10.05
N ASN A 178 -11.84 11.38 10.87
CA ASN A 178 -12.45 11.60 12.19
C ASN A 178 -11.40 11.86 13.29
N GLY A 179 -10.13 11.95 12.90
CA GLY A 179 -9.04 12.22 13.84
C GLY A 179 -8.45 11.01 14.55
N LYS A 180 -8.90 9.81 14.15
CA LYS A 180 -8.27 8.56 14.60
C LYS A 180 -7.11 8.25 13.63
N SER A 181 -5.98 7.81 14.18
CA SER A 181 -4.84 7.43 13.36
C SER A 181 -4.25 6.09 13.83
N GLU A 182 -3.64 5.37 12.89
CA GLU A 182 -3.08 4.03 13.13
C GLU A 182 -1.67 3.91 12.55
N ILE A 183 -0.89 3.00 13.12
CA ILE A 183 0.43 2.62 12.58
C ILE A 183 0.45 1.10 12.41
N GLU A 184 1.13 0.64 11.37
CA GLU A 184 1.29 -0.79 11.14
C GLU A 184 2.74 -1.08 10.76
N ILE A 185 3.24 -2.21 11.24
CA ILE A 185 4.57 -2.72 10.89
C ILE A 185 4.40 -4.00 10.09
N TYR A 186 5.20 -4.15 9.04
CA TYR A 186 5.07 -5.29 8.12
C TYR A 186 6.35 -6.13 8.12
N ALA A 187 6.22 -7.40 8.47
CA ALA A 187 7.32 -8.36 8.35
C ALA A 187 7.36 -8.85 6.92
N GLU A 188 8.56 -9.08 6.39
CA GLU A 188 8.72 -9.55 5.01
C GLU A 188 9.69 -10.71 4.83
N VAL A 189 9.43 -11.48 3.78
CA VAL A 189 10.37 -12.49 3.27
C VAL A 189 10.44 -12.31 1.76
N GLN A 190 11.66 -12.13 1.26
CA GLN A 190 11.89 -12.04 -0.18
C GLN A 190 12.12 -13.44 -0.77
N GLU A 191 11.75 -13.56 -2.04
CA GLU A 191 11.86 -14.77 -2.87
C GLU A 191 13.11 -15.62 -2.63
N ASP A 192 14.28 -14.99 -2.66
CA ASP A 192 15.58 -15.68 -2.51
C ASP A 192 15.78 -16.39 -1.17
N ASP A 193 14.91 -16.09 -0.21
CA ASP A 193 14.99 -16.67 1.13
C ASP A 193 13.87 -17.68 1.46
N PHE A 194 12.95 -17.90 0.51
CA PHE A 194 11.76 -18.76 0.74
C PHE A 194 12.07 -20.19 1.20
N PHE A 195 13.17 -20.75 0.70
CA PHE A 195 13.52 -22.17 0.94
C PHE A 195 14.61 -22.38 1.99
N LYS A 196 15.05 -21.29 2.61
CA LYS A 196 16.05 -21.36 3.69
C LYS A 196 15.47 -22.03 4.93
N PRO A 197 16.20 -23.01 5.52
CA PRO A 197 15.71 -23.75 6.69
C PRO A 197 15.34 -22.87 7.88
N GLU A 198 16.12 -21.81 8.12
CA GLU A 198 15.82 -20.88 9.23
C GLU A 198 14.52 -20.10 9.03
N ILE A 199 14.18 -19.83 7.77
CA ILE A 199 12.96 -19.11 7.40
C ILE A 199 11.73 -19.97 7.69
N ASN A 200 11.81 -21.26 7.37
CA ASN A 200 10.76 -22.21 7.74
C ASN A 200 10.56 -22.24 9.25
N ASN A 201 11.67 -22.23 9.98
CA ASN A 201 11.70 -22.23 11.43
C ASN A 201 11.15 -20.93 12.04
N LEU A 202 11.60 -19.78 11.52
CA LEU A 202 11.22 -18.48 12.07
C LEU A 202 9.87 -17.96 11.55
N VAL A 203 9.49 -18.36 10.33
CA VAL A 203 8.31 -17.80 9.65
C VAL A 203 7.25 -18.86 9.27
N TRP A 204 7.54 -19.66 8.25
CA TRP A 204 6.55 -20.54 7.59
C TRP A 204 5.82 -21.51 8.52
N GLN A 205 6.54 -22.04 9.50
CA GLN A 205 6.02 -22.95 10.53
C GLN A 205 4.77 -22.43 11.26
N HIS A 206 4.69 -21.12 11.44
CA HIS A 206 3.60 -20.47 12.20
C HIS A 206 2.38 -20.08 11.34
N PHE A 207 2.39 -20.52 10.08
CA PHE A 207 1.28 -20.28 9.16
C PHE A 207 0.75 -21.62 8.67
N PRO A 208 -0.58 -21.71 8.37
CA PRO A 208 -1.12 -22.93 7.76
C PRO A 208 -0.55 -23.16 6.36
N LYS A 209 -0.68 -24.39 5.86
CA LYS A 209 -0.11 -24.76 4.57
C LYS A 209 -0.71 -24.00 3.39
N THR A 210 -1.99 -23.62 3.50
CA THR A 210 -2.67 -22.83 2.46
C THR A 210 -2.00 -21.47 2.24
N ALA A 211 -1.46 -20.89 3.32
CA ALA A 211 -0.72 -19.63 3.27
C ALA A 211 0.55 -19.72 2.42
N LEU A 212 1.12 -20.92 2.34
CA LEU A 212 2.39 -21.12 1.64
C LEU A 212 2.23 -21.29 0.13
N GLN A 213 1.06 -21.73 -0.33
CA GLN A 213 0.85 -22.05 -1.75
C GLN A 213 1.05 -20.90 -2.76
N PRO A 214 0.58 -19.66 -2.43
CA PRO A 214 0.79 -18.57 -3.40
C PRO A 214 2.25 -18.08 -3.51
N LEU A 215 3.12 -18.53 -2.60
CA LEU A 215 4.56 -18.20 -2.69
C LEU A 215 5.22 -18.67 -3.98
N LYS A 216 4.73 -19.77 -4.55
CA LYS A 216 5.15 -20.29 -5.87
C LYS A 216 5.10 -19.23 -6.98
N ALA A 217 4.17 -18.28 -6.86
CA ALA A 217 3.97 -17.26 -7.88
C ALA A 217 4.42 -15.87 -7.43
N SER A 218 5.02 -15.80 -6.23
CA SER A 218 5.32 -14.52 -5.60
C SER A 218 6.81 -14.24 -5.50
N SER A 219 7.17 -12.96 -5.55
CA SER A 219 8.55 -12.51 -5.34
C SER A 219 8.80 -11.98 -3.92
N LEU A 220 7.70 -11.73 -3.20
CA LEU A 220 7.75 -11.10 -1.88
C LEU A 220 6.50 -11.45 -1.09
N PHE A 221 6.65 -11.59 0.22
CA PHE A 221 5.57 -11.89 1.15
C PHE A 221 5.66 -10.89 2.31
N PHE A 222 4.52 -10.27 2.64
CA PHE A 222 4.39 -9.39 3.81
C PHE A 222 3.31 -9.90 4.75
N THR A 223 3.46 -9.61 6.03
CA THR A 223 2.34 -9.74 6.97
C THR A 223 2.30 -8.54 7.94
N GLY A 224 1.09 -8.02 8.19
CA GLY A 224 0.86 -6.96 9.18
C GLY A 224 0.91 -7.49 10.61
N LEU A 225 1.76 -6.91 11.44
CA LEU A 225 2.06 -7.48 12.75
C LEU A 225 1.22 -7.01 13.95
N SER A 226 0.76 -5.77 13.92
CA SER A 226 0.08 -5.17 15.08
C SER A 226 -1.43 -5.46 15.15
N LYS A 227 -2.12 -5.35 14.01
CA LYS A 227 -3.56 -5.63 13.95
C LYS A 227 -3.88 -7.13 13.84
N ALA A 228 -4.99 -7.52 14.48
CA ALA A 228 -5.50 -8.90 14.56
C ALA A 228 -4.48 -9.93 15.08
N ASN A 229 -4.62 -10.28 16.36
CA ASN A 229 -3.73 -11.24 17.05
C ASN A 229 -3.70 -12.59 16.31
N ASN A 230 -4.86 -13.22 16.23
CA ASN A 230 -5.11 -14.29 15.27
C ASN A 230 -5.72 -13.68 14.01
N ASN A 231 -5.59 -14.39 12.90
CA ASN A 231 -6.01 -13.94 11.57
C ASN A 231 -5.30 -12.67 11.04
N PRO A 232 -3.96 -12.72 10.89
CA PRO A 232 -3.25 -11.57 10.31
C PRO A 232 -3.48 -11.43 8.80
N VAL A 233 -3.38 -10.22 8.28
CA VAL A 233 -3.48 -9.99 6.83
C VAL A 233 -2.16 -10.41 6.17
N LEU A 234 -2.26 -11.25 5.14
CA LEU A 234 -1.10 -11.73 4.39
C LEU A 234 -1.07 -11.06 3.03
N TYR A 235 0.10 -10.58 2.65
CA TYR A 235 0.27 -9.91 1.36
C TYR A 235 1.25 -10.66 0.46
N TYR A 236 0.89 -10.79 -0.81
CA TYR A 236 1.67 -11.56 -1.79
C TYR A 236 1.92 -10.68 -3.00
N HIS A 237 3.20 -10.53 -3.37
CA HIS A 237 3.59 -9.79 -4.55
C HIS A 237 3.69 -10.75 -5.74
N LEU A 238 2.57 -10.93 -6.44
CA LEU A 238 2.51 -11.81 -7.61
C LEU A 238 3.29 -11.23 -8.77
N LYS A 239 4.20 -12.03 -9.33
CA LYS A 239 5.03 -11.61 -10.47
C LYS A 239 4.18 -11.30 -11.69
N ASN A 240 3.12 -12.08 -11.88
CA ASN A 240 2.17 -11.86 -12.94
C ASN A 240 0.76 -11.83 -12.43
N ARG A 241 0.07 -10.73 -12.77
CA ARG A 241 -1.30 -10.49 -12.38
C ARG A 241 -2.29 -11.56 -12.85
N GLN A 242 -1.96 -12.21 -13.95
CA GLN A 242 -2.74 -13.31 -14.54
C GLN A 242 -2.81 -14.54 -13.63
N ASP A 243 -1.84 -14.66 -12.72
CA ASP A 243 -1.77 -15.81 -11.81
C ASP A 243 -2.76 -15.76 -10.65
N LEU A 244 -3.43 -14.62 -10.48
CA LEU A 244 -4.34 -14.40 -9.34
C LEU A 244 -5.31 -15.56 -9.14
N THR A 245 -6.06 -15.90 -10.21
CA THR A 245 -7.14 -16.90 -10.14
C THR A 245 -6.63 -18.31 -9.94
N ASN A 246 -5.37 -18.56 -10.32
CA ASN A 246 -4.73 -19.86 -10.09
C ASN A 246 -4.40 -20.11 -8.63
N TYR A 247 -4.17 -19.05 -7.86
CA TYR A 247 -3.71 -19.17 -6.48
C TYR A 247 -4.70 -18.71 -5.42
N PHE A 248 -5.69 -17.93 -5.83
CA PHE A 248 -6.68 -17.38 -4.90
C PHE A 248 -8.06 -17.71 -5.44
N LYS A 249 -8.92 -18.19 -4.55
CA LYS A 249 -10.28 -18.61 -4.89
C LYS A 249 -11.23 -17.43 -4.77
N LEU A 250 -11.40 -16.71 -5.89
CA LEU A 250 -12.09 -15.41 -5.91
C LEU A 250 -13.60 -15.52 -5.91
N ASN A 251 -14.26 -14.62 -5.18
CA ASN A 251 -15.71 -14.50 -5.25
C ASN A 251 -16.09 -13.69 -6.49
N ASP A 252 -17.39 -13.50 -6.72
CA ASP A 252 -17.90 -12.81 -7.92
C ASP A 252 -17.39 -11.37 -8.06
N THR A 253 -17.37 -10.63 -6.95
CA THR A 253 -16.90 -9.24 -6.94
C THR A 253 -15.40 -9.11 -7.28
N ALA A 254 -14.57 -9.96 -6.68
CA ALA A 254 -13.13 -9.95 -6.96
C ALA A 254 -12.82 -10.40 -8.41
N GLN A 255 -13.60 -11.34 -8.93
CA GLN A 255 -13.51 -11.77 -10.34
C GLN A 255 -13.74 -10.61 -11.32
N ARG A 256 -14.72 -9.78 -11.04
CA ARG A 256 -15.01 -8.58 -11.82
C ARG A 256 -13.78 -7.65 -11.91
N VAL A 257 -13.14 -7.40 -10.77
CA VAL A 257 -11.93 -6.57 -10.73
C VAL A 257 -10.81 -7.23 -11.53
N HIS A 258 -10.54 -8.51 -11.25
CA HIS A 258 -9.55 -9.30 -11.99
C HIS A 258 -9.80 -9.21 -13.49
N SER A 259 -11.04 -9.46 -13.91
CA SER A 259 -11.39 -9.44 -15.33
C SER A 259 -11.10 -8.09 -15.97
N PHE A 260 -11.48 -7.02 -15.27
CA PHE A 260 -11.26 -5.66 -15.79
C PHE A 260 -9.78 -5.39 -16.05
N TYR A 261 -8.91 -5.86 -15.16
CA TYR A 261 -7.50 -5.52 -15.24
C TYR A 261 -6.64 -6.44 -16.10
N GLN A 262 -7.21 -7.56 -16.57
CA GLN A 262 -6.42 -8.54 -17.33
C GLN A 262 -5.75 -7.95 -18.54
N HIS A 263 -6.46 -7.04 -19.21
CA HIS A 263 -6.00 -6.48 -20.48
C HIS A 263 -5.86 -4.96 -20.48
N GLN A 264 -5.77 -4.37 -19.28
CA GLN A 264 -5.42 -2.96 -19.15
C GLN A 264 -3.91 -2.75 -19.37
N ASP A 265 -3.53 -1.55 -19.79
CA ASP A 265 -2.12 -1.21 -19.99
C ASP A 265 -1.47 -0.80 -18.66
N ILE A 266 -1.14 -1.84 -17.88
CA ILE A 266 -0.57 -1.69 -16.54
C ILE A 266 0.67 -2.57 -16.41
N LEU A 267 1.37 -2.45 -15.27
CA LEU A 267 2.54 -3.27 -14.99
C LEU A 267 2.14 -4.74 -14.79
N PRO A 268 3.07 -5.69 -15.07
CA PRO A 268 2.69 -7.10 -14.99
C PRO A 268 2.44 -7.62 -13.58
N TYR A 269 3.07 -7.01 -12.57
CA TYR A 269 2.94 -7.52 -11.20
C TYR A 269 1.76 -6.91 -10.47
N MET A 270 1.34 -7.56 -9.40
CA MET A 270 0.31 -7.02 -8.50
C MET A 270 0.57 -7.43 -7.08
N TRP A 271 -0.15 -6.80 -6.17
CA TRP A 271 -0.20 -7.26 -4.79
C TRP A 271 -1.61 -7.78 -4.47
N VAL A 272 -1.65 -8.79 -3.60
CA VAL A 272 -2.90 -9.41 -3.14
C VAL A 272 -2.84 -9.46 -1.62
N GLY A 273 -3.87 -8.93 -0.97
CA GLY A 273 -3.93 -8.91 0.48
C GLY A 273 -5.15 -9.66 0.98
N THR A 274 -4.91 -10.64 1.85
CA THR A 274 -6.01 -11.39 2.43
C THR A 274 -5.67 -11.97 3.82
N ALA A 275 -6.68 -11.99 4.68
CA ALA A 275 -6.56 -12.55 6.02
C ALA A 275 -6.24 -14.04 5.91
N GLN A 276 -5.41 -14.52 6.84
CA GLN A 276 -5.00 -15.92 6.94
C GLN A 276 -6.19 -16.90 6.79
N LYS A 277 -7.25 -16.69 7.58
CA LYS A 277 -8.46 -17.54 7.57
C LYS A 277 -9.13 -17.67 6.21
N GLU A 278 -9.04 -16.63 5.38
CA GLU A 278 -9.65 -16.65 4.04
C GLU A 278 -9.07 -17.71 3.13
N LEU A 279 -7.76 -18.00 3.28
CA LEU A 279 -7.09 -18.98 2.42
C LEU A 279 -7.45 -20.43 2.79
N GLU A 280 -7.93 -20.61 4.02
CA GLU A 280 -8.43 -21.90 4.53
C GLU A 280 -9.83 -22.24 4.00
N LYS A 281 -10.56 -21.21 3.56
CA LYS A 281 -11.93 -21.35 3.04
C LYS A 281 -11.97 -22.00 1.65
N THR A 282 -13.16 -22.46 1.25
CA THR A 282 -13.39 -22.94 -0.13
C THR A 282 -13.48 -21.77 -1.11
N ARG A 283 -13.73 -20.57 -0.57
CA ARG A 283 -13.94 -19.35 -1.33
C ARG A 283 -13.53 -18.13 -0.50
N ILE A 284 -12.70 -17.25 -1.08
CA ILE A 284 -12.32 -15.99 -0.40
C ILE A 284 -13.48 -15.01 -0.49
N GLU A 285 -13.85 -14.44 0.65
CA GLU A 285 -14.88 -13.42 0.72
C GLU A 285 -14.33 -12.01 0.95
N ASN A 286 -13.16 -11.94 1.57
CA ASN A 286 -12.51 -10.67 1.90
C ASN A 286 -11.10 -10.63 1.33
N ILE A 287 -10.86 -9.68 0.43
CA ILE A 287 -9.59 -9.62 -0.31
C ILE A 287 -9.30 -8.18 -0.75
N ARG A 288 -8.00 -7.86 -0.86
CA ARG A 288 -7.54 -6.57 -1.37
C ARG A 288 -6.69 -6.86 -2.59
N LEU A 289 -6.96 -6.13 -3.66
CA LEU A 289 -6.24 -6.29 -4.92
C LEU A 289 -5.62 -4.97 -5.35
N TYR A 290 -4.31 -4.99 -5.65
CA TYR A 290 -3.57 -3.75 -5.92
C TYR A 290 -2.89 -3.84 -7.28
N TYR A 291 -3.14 -2.84 -8.13
CA TYR A 291 -2.60 -2.75 -9.49
C TYR A 291 -1.75 -1.49 -9.66
N TYR A 292 -0.77 -1.55 -10.57
CA TYR A 292 0.31 -0.55 -10.69
C TYR A 292 0.62 -0.10 -12.11
N LYS A 293 1.04 1.15 -12.22
CA LYS A 293 1.54 1.73 -13.46
C LYS A 293 2.62 2.73 -13.08
N SER A 294 3.70 2.74 -13.89
CA SER A 294 4.83 3.65 -13.70
C SER A 294 4.77 4.83 -14.65
N PHE A 295 5.29 5.98 -14.21
CA PHE A 295 5.23 7.22 -14.97
C PHE A 295 6.60 7.90 -14.99
N LYS A 296 7.37 7.63 -16.05
CA LYS A 296 8.77 8.05 -16.15
C LYS A 296 9.06 8.89 -17.39
N MET A 297 10.02 9.81 -17.27
CA MET A 297 10.38 10.75 -18.34
C MET A 297 11.14 10.11 -19.49
N TYR B 1 6.68 -1.13 -2.44
CA TYR B 1 6.88 -1.33 -0.97
C TYR B 1 8.25 -1.95 -0.67
N TYR B 2 9.03 -2.17 -1.72
CA TYR B 2 10.31 -2.85 -1.63
C TYR B 2 11.31 -2.16 -2.54
N TYR B 3 12.57 -2.19 -2.12
CA TYR B 3 13.66 -1.63 -2.90
C TYR B 3 14.87 -2.58 -2.94
#